data_2WJA
#
_entry.id   2WJA
#
_cell.length_a   90.030
_cell.length_b   90.030
_cell.length_c   83.540
_cell.angle_alpha   90.00
_cell.angle_beta   90.00
_cell.angle_gamma   120.00
#
_symmetry.space_group_name_H-M   'P 32 2 1'
#
loop_
_entity.id
_entity.type
_entity.pdbx_description
1 polymer 'PUTATIVE ACID PHOSPHATASE WZB'
2 non-polymer 'PHOSPHATE ION'
3 non-polymer 'NICKEL (II) ION'
4 water water
#
_entity_poly.entity_id   1
_entity_poly.type   'polypeptide(L)'
_entity_poly.pdbx_seq_one_letter_code
;MGSSHHHHHHSSGLVPRGSHMAKLMFDSILVICTGNICRSPIGERLLRRLLPSKKINSAGVGALVDHAADESAIRVAEKN
GLCLKGHRGTKFTSALARQYDLLLVMEYSHLEQISRIAPEARGKTMLFGHWLDSKEIPDPYRMSDEAFDSVYQLLEQASK
RWAEKLGE
;
_entity_poly.pdbx_strand_id   A,B
#
loop_
_chem_comp.id
_chem_comp.type
_chem_comp.name
_chem_comp.formula
NI non-polymer 'NICKEL (II) ION' 'Ni 2'
PO4 non-polymer 'PHOSPHATE ION' 'O4 P -3'
#
# COMPACT_ATOMS: atom_id res chain seq x y z
N PRO A 16 -5.58 -15.07 17.00
CA PRO A 16 -4.56 -14.29 16.29
C PRO A 16 -4.27 -14.83 14.89
N ARG A 17 -4.52 -16.13 14.69
CA ARG A 17 -4.23 -16.77 13.41
C ARG A 17 -5.17 -17.96 13.16
N GLY A 18 -5.06 -18.60 11.98
CA GLY A 18 -4.06 -18.21 10.99
C GLY A 18 -4.47 -18.35 9.54
N SER A 19 -5.77 -18.48 9.28
CA SER A 19 -6.27 -18.58 7.91
C SER A 19 -7.79 -18.58 7.83
N HIS A 20 -8.35 -19.64 7.24
CA HIS A 20 -9.79 -19.78 7.11
C HIS A 20 -10.42 -19.83 8.49
N MET A 21 -9.61 -20.16 9.49
CA MET A 21 -10.05 -20.22 10.87
C MET A 21 -10.29 -18.80 11.40
N ALA A 22 -9.50 -17.86 10.91
CA ALA A 22 -9.59 -16.47 11.35
C ALA A 22 -10.98 -15.89 11.13
N LYS A 23 -11.64 -16.29 10.05
CA LYS A 23 -12.96 -15.77 9.73
C LYS A 23 -13.99 -16.19 10.77
N LEU A 24 -13.80 -17.36 11.38
CA LEU A 24 -14.68 -17.85 12.42
C LEU A 24 -14.44 -17.14 13.75
N MET A 25 -13.18 -16.79 14.01
CA MET A 25 -12.80 -16.23 15.30
C MET A 25 -13.12 -14.75 15.47
N PHE A 26 -13.02 -13.98 14.38
CA PHE A 26 -13.21 -12.53 14.48
C PHE A 26 -14.21 -12.00 13.46
N ASP A 27 -15.38 -11.61 13.94
CA ASP A 27 -16.41 -11.01 13.08
C ASP A 27 -16.61 -9.53 13.39
N SER A 28 -16.03 -9.07 14.50
CA SER A 28 -16.17 -7.68 14.91
C SER A 28 -14.80 -7.08 15.25
N ILE A 29 -14.58 -5.85 14.81
CA ILE A 29 -13.28 -5.20 15.01
C ILE A 29 -13.43 -3.76 15.48
N LEU A 30 -12.74 -3.43 16.57
CA LEU A 30 -12.74 -2.08 17.11
C LEU A 30 -11.40 -1.40 16.88
N VAL A 31 -11.40 -0.42 15.97
CA VAL A 31 -10.18 0.36 15.70
C VAL A 31 -10.09 1.51 16.69
N ILE A 32 -8.93 1.66 17.33
CA ILE A 32 -8.79 2.60 18.42
C ILE A 32 -7.59 3.53 18.28
N CYS A 33 -7.83 4.83 18.43
CA CYS A 33 -6.76 5.81 18.50
C CYS A 33 -6.96 6.73 19.70
N THR A 34 -6.41 7.94 19.63
CA THR A 34 -6.50 8.87 20.76
C THR A 34 -7.78 9.70 20.70
N GLY A 35 -7.88 10.56 19.69
CA GLY A 35 -8.99 11.50 19.58
C GLY A 35 -10.17 10.97 18.80
N ASN A 36 -9.97 9.89 18.06
CA ASN A 36 -11.03 9.29 17.25
C ASN A 36 -11.57 10.27 16.22
N ILE A 37 -10.68 11.01 15.58
CA ILE A 37 -11.07 11.91 14.50
C ILE A 37 -10.04 11.91 13.37
N CYS A 38 -8.92 11.22 13.58
CA CYS A 38 -7.89 11.11 12.55
C CYS A 38 -7.61 9.66 12.19
N ARG A 39 -6.75 9.01 12.97
CA ARG A 39 -6.28 7.67 12.68
C ARG A 39 -7.37 6.60 12.58
N SER A 40 -8.07 6.34 13.69
CA SER A 40 -9.03 5.23 13.73
C SER A 40 -10.21 5.37 12.76
N PRO A 41 -10.70 6.59 12.55
CA PRO A 41 -11.74 6.77 11.52
C PRO A 41 -11.29 6.23 10.17
N ILE A 42 -10.08 6.59 9.75
CA ILE A 42 -9.55 6.14 8.47
C ILE A 42 -9.41 4.62 8.43
N GLY A 43 -8.77 4.07 9.46
CA GLY A 43 -8.55 2.64 9.56
C GLY A 43 -9.84 1.85 9.52
N GLU A 44 -10.86 2.36 10.19
CA GLU A 44 -12.17 1.74 10.18
C GLU A 44 -12.72 1.61 8.77
N ARG A 45 -12.79 2.75 8.07
CA ARG A 45 -13.28 2.78 6.68
C ARG A 45 -12.48 1.89 5.75
N LEU A 46 -11.16 1.88 5.91
CA LEU A 46 -10.29 1.02 5.10
C LEU A 46 -10.68 -0.44 5.27
N LEU A 47 -10.80 -0.88 6.52
CA LEU A 47 -11.15 -2.26 6.81
C LEU A 47 -12.58 -2.59 6.41
N ARG A 48 -13.46 -1.59 6.43
CA ARG A 48 -14.87 -1.81 6.13
C ARG A 48 -15.12 -2.28 4.70
N ARG A 49 -14.43 -1.68 3.73
CA ARG A 49 -14.62 -2.04 2.33
C ARG A 49 -13.79 -3.26 1.95
N LEU A 50 -12.84 -3.62 2.81
CA LEU A 50 -12.05 -4.82 2.62
C LEU A 50 -12.76 -6.01 3.26
N LEU A 51 -13.46 -5.75 4.36
CA LEU A 51 -14.22 -6.78 5.07
C LEU A 51 -15.66 -6.35 5.24
N PRO A 52 -16.41 -6.31 4.13
CA PRO A 52 -17.80 -5.82 4.10
C PRO A 52 -18.71 -6.57 5.04
N SER A 53 -18.35 -7.82 5.35
CA SER A 53 -19.22 -8.68 6.15
C SER A 53 -19.02 -8.49 7.65
N LYS A 54 -17.92 -7.84 8.04
CA LYS A 54 -17.58 -7.70 9.45
C LYS A 54 -18.07 -6.39 10.07
N LYS A 55 -18.21 -6.40 11.39
CA LYS A 55 -18.63 -5.22 12.13
C LYS A 55 -17.41 -4.39 12.54
N ILE A 56 -17.20 -3.29 11.84
CA ILE A 56 -16.02 -2.45 12.08
C ILE A 56 -16.41 -1.08 12.63
N ASN A 57 -16.02 -0.81 13.88
CA ASN A 57 -16.23 0.50 14.48
C ASN A 57 -14.93 1.08 15.05
N SER A 58 -15.02 2.25 15.66
CA SER A 58 -13.84 2.93 16.17
C SER A 58 -14.12 3.71 17.45
N ALA A 59 -13.07 3.96 18.22
CA ALA A 59 -13.17 4.74 19.45
C ALA A 59 -11.83 5.39 19.77
N GLY A 60 -11.83 6.25 20.79
CA GLY A 60 -10.63 6.93 21.21
C GLY A 60 -10.43 6.87 22.71
N VAL A 61 -9.20 6.58 23.13
CA VAL A 61 -8.87 6.53 24.55
C VAL A 61 -9.05 7.90 25.20
N GLY A 62 -8.83 8.95 24.42
CA GLY A 62 -9.07 10.31 24.85
C GLY A 62 -9.86 11.05 23.77
N ALA A 63 -10.96 10.44 23.37
CA ALA A 63 -11.72 10.89 22.20
C ALA A 63 -12.34 12.28 22.36
N LEU A 64 -12.48 12.97 21.23
CA LEU A 64 -13.25 14.20 21.17
C LEU A 64 -14.69 13.83 20.82
N VAL A 65 -15.48 13.56 21.86
CA VAL A 65 -16.81 13.01 21.69
C VAL A 65 -17.73 13.89 20.87
N ASP A 66 -18.37 13.28 19.87
CA ASP A 66 -19.36 13.96 19.02
C ASP A 66 -18.73 14.87 17.98
N HIS A 67 -17.40 14.90 17.94
CA HIS A 67 -16.69 15.69 16.94
C HIS A 67 -16.59 14.94 15.62
N ALA A 68 -16.89 15.64 14.52
CA ALA A 68 -16.73 15.06 13.19
C ALA A 68 -15.26 14.76 12.94
N ALA A 69 -14.98 14.01 11.88
CA ALA A 69 -13.60 13.69 11.53
C ALA A 69 -12.81 14.96 11.27
N ASP A 70 -11.52 14.93 11.62
CA ASP A 70 -10.65 16.09 11.41
C ASP A 70 -10.65 16.49 9.94
N GLU A 71 -10.59 17.81 9.69
CA GLU A 71 -10.58 18.33 8.34
C GLU A 71 -9.48 17.73 7.48
N SER A 72 -8.27 17.67 8.03
CA SER A 72 -7.12 17.12 7.31
C SER A 72 -7.32 15.65 6.98
N ALA A 73 -7.84 14.89 7.95
CA ALA A 73 -8.10 13.47 7.74
C ALA A 73 -9.14 13.26 6.65
N ILE A 74 -10.14 14.11 6.61
CA ILE A 74 -11.17 14.05 5.59
C ILE A 74 -10.60 14.25 4.19
N ARG A 75 -9.74 15.25 4.05
CA ARG A 75 -9.11 15.54 2.76
C ARG A 75 -8.50 14.29 2.15
N VAL A 76 -7.68 13.59 2.92
CA VAL A 76 -7.00 12.41 2.42
C VAL A 76 -7.82 11.14 2.68
N ASN A 80 -6.00 8.21 -0.68
CA ASN A 80 -6.83 7.78 -1.80
C ASN A 80 -8.16 8.51 -1.87
N GLY A 81 -9.23 7.76 -2.13
CA GLY A 81 -10.55 8.35 -2.27
C GLY A 81 -11.65 7.59 -1.55
N LEU A 82 -11.65 7.68 -0.22
CA LEU A 82 -12.70 7.08 0.60
C LEU A 82 -13.31 8.11 1.53
N CYS A 83 -14.62 8.03 1.73
CA CYS A 83 -15.33 9.04 2.52
C CYS A 83 -15.49 8.63 3.98
N LEU A 84 -15.38 9.61 4.87
CA LEU A 84 -15.64 9.40 6.28
C LEU A 84 -17.05 9.89 6.59
N LYS A 85 -18.04 9.12 6.15
CA LYS A 85 -19.44 9.53 6.22
C LYS A 85 -20.07 9.23 7.59
N GLY A 86 -20.61 10.26 8.21
CA GLY A 86 -21.35 10.09 9.45
C GLY A 86 -20.50 9.67 10.64
N HIS A 87 -19.21 9.98 10.60
CA HIS A 87 -18.33 9.66 11.70
C HIS A 87 -18.44 10.68 12.84
N ARG A 88 -18.54 10.17 14.06
CA ARG A 88 -18.52 11.02 15.24
C ARG A 88 -17.57 10.43 16.28
N GLY A 89 -16.94 11.32 17.06
CA GLY A 89 -16.00 10.89 18.08
C GLY A 89 -16.65 10.01 19.13
N THR A 90 -15.98 8.91 19.46
CA THR A 90 -16.53 7.93 20.39
C THR A 90 -15.52 7.59 21.49
N LYS A 91 -15.95 7.77 22.73
CA LYS A 91 -15.10 7.41 23.86
C LYS A 91 -14.98 5.90 23.99
N PHE A 92 -13.78 5.43 24.29
CA PHE A 92 -13.56 4.01 24.51
C PHE A 92 -13.96 3.65 25.94
N THR A 93 -14.74 2.58 26.08
CA THR A 93 -15.15 2.09 27.39
C THR A 93 -15.12 0.57 27.44
N SER A 94 -14.91 0.02 28.62
CA SER A 94 -14.90 -1.44 28.79
C SER A 94 -16.19 -2.04 28.27
N ALA A 95 -17.30 -1.35 28.51
CA ALA A 95 -18.60 -1.79 28.02
C ALA A 95 -18.58 -1.98 26.50
N LEU A 96 -17.91 -1.06 25.82
CA LEU A 96 -17.81 -1.12 24.36
C LEU A 96 -16.88 -2.23 23.89
N ALA A 97 -15.78 -2.41 24.60
CA ALA A 97 -14.83 -3.48 24.28
C ALA A 97 -15.51 -4.84 24.30
N ARG A 98 -16.49 -4.97 25.18
CA ARG A 98 -17.21 -6.23 25.37
C ARG A 98 -17.98 -6.64 24.13
N GLN A 99 -18.07 -5.74 23.15
CA GLN A 99 -18.85 -5.99 21.95
C GLN A 99 -18.00 -6.33 20.73
N TYR A 100 -16.70 -6.55 20.94
CA TYR A 100 -15.80 -6.76 19.80
C TYR A 100 -14.77 -7.86 20.04
N ASP A 101 -14.59 -8.70 19.01
CA ASP A 101 -13.67 -9.82 19.08
C ASP A 101 -12.23 -9.34 19.02
N LEU A 102 -11.99 -8.33 18.19
CA LEU A 102 -10.65 -7.84 17.97
C LEU A 102 -10.56 -6.33 18.20
N LEU A 103 -9.49 -5.91 18.87
CA LEU A 103 -9.23 -4.49 19.09
C LEU A 103 -7.88 -4.11 18.49
N LEU A 104 -7.89 -3.16 17.56
CA LEU A 104 -6.65 -2.67 16.97
C LEU A 104 -6.34 -1.25 17.42
N VAL A 105 -5.19 -1.06 18.04
CA VAL A 105 -4.76 0.26 18.47
C VAL A 105 -3.63 0.75 17.58
N MET A 106 -3.50 2.07 17.46
CA MET A 106 -2.49 2.66 16.60
C MET A 106 -1.16 2.76 17.32
N GLU A 107 -1.21 3.27 18.55
CA GLU A 107 -0.01 3.55 19.33
C GLU A 107 0.15 2.52 20.45
N TYR A 108 1.39 2.14 20.74
CA TYR A 108 1.65 1.16 21.78
C TYR A 108 1.13 1.63 23.13
N SER A 109 1.18 2.94 23.35
CA SER A 109 0.70 3.51 24.59
C SER A 109 -0.78 3.21 24.81
N HIS A 110 -1.50 3.02 23.71
CA HIS A 110 -2.93 2.71 23.78
C HIS A 110 -3.16 1.36 24.45
N LEU A 111 -2.34 0.38 24.13
CA LEU A 111 -2.44 -0.94 24.76
C LEU A 111 -2.41 -0.81 26.27
N GLU A 112 -1.47 -0.02 26.77
CA GLU A 112 -1.28 0.17 28.19
C GLU A 112 -2.45 0.91 28.81
N GLN A 113 -3.03 1.83 28.05
CA GLN A 113 -4.18 2.59 28.51
C GLN A 113 -5.44 1.73 28.41
N ILE A 114 -5.40 0.74 27.53
CA ILE A 114 -6.52 -0.19 27.38
C ILE A 114 -6.57 -1.17 28.55
N SER A 115 -5.41 -1.71 28.91
CA SER A 115 -5.32 -2.61 30.05
C SER A 115 -5.83 -1.90 31.29
N ARG A 116 -5.62 -0.59 31.34
CA ARG A 116 -6.01 0.22 32.49
C ARG A 116 -7.53 0.46 32.49
N ILE A 117 -8.09 0.66 31.32
CA ILE A 117 -9.53 0.89 31.19
C ILE A 117 -10.32 -0.41 31.17
N ALA A 118 -9.92 -1.32 30.29
CA ALA A 118 -10.58 -2.62 30.16
C ALA A 118 -9.58 -3.77 30.24
N PRO A 119 -9.40 -4.33 31.45
CA PRO A 119 -8.48 -5.44 31.71
C PRO A 119 -8.81 -6.68 30.88
N GLU A 120 -10.10 -6.95 30.72
CA GLU A 120 -10.55 -8.16 30.03
C GLU A 120 -10.32 -8.08 28.51
N ALA A 121 -10.19 -6.87 27.99
CA ALA A 121 -10.04 -6.67 26.55
C ALA A 121 -8.60 -6.82 26.08
N ARG A 122 -7.65 -6.57 26.97
CA ARG A 122 -6.23 -6.61 26.62
C ARG A 122 -5.83 -7.90 25.90
N GLY A 123 -6.43 -9.01 26.30
CA GLY A 123 -6.12 -10.30 25.71
C GLY A 123 -6.54 -10.41 24.26
N LYS A 124 -7.41 -9.51 23.82
CA LYS A 124 -7.92 -9.55 22.45
C LYS A 124 -7.61 -8.27 21.69
N THR A 125 -6.56 -7.57 22.10
CA THR A 125 -6.15 -6.33 21.43
C THR A 125 -4.74 -6.43 20.86
N MET A 126 -4.61 -6.01 19.61
CA MET A 126 -3.30 -5.95 18.94
C MET A 126 -3.13 -4.60 18.27
N LEU A 127 -1.97 -4.37 17.68
CA LEU A 127 -1.70 -3.11 17.01
C LEU A 127 -2.23 -3.12 15.58
N PHE A 128 -2.87 -2.02 15.20
CA PHE A 128 -3.19 -1.78 13.81
C PHE A 128 -1.85 -1.74 13.09
N GLY A 129 -1.73 -2.47 11.99
CA GLY A 129 -0.46 -2.55 11.28
C GLY A 129 0.53 -3.42 12.03
N HIS A 130 0.05 -4.54 12.56
CA HIS A 130 0.88 -5.47 13.30
C HIS A 130 1.91 -6.14 12.37
N TRP A 131 1.58 -6.20 11.08
CA TRP A 131 2.43 -6.87 10.11
C TRP A 131 3.29 -5.88 9.37
N LYS A 135 4.50 -1.85 12.67
CA LYS A 135 4.88 -0.86 13.66
C LYS A 135 3.75 0.13 13.90
N GLU A 136 3.76 0.77 15.06
CA GLU A 136 2.70 1.68 15.46
C GLU A 136 2.52 2.85 14.49
N ILE A 137 1.34 3.45 14.51
CA ILE A 137 1.03 4.58 13.64
C ILE A 137 1.04 5.90 14.41
N PRO A 138 1.82 6.87 13.93
CA PRO A 138 2.00 8.19 14.57
C PRO A 138 0.70 9.00 14.61
N ASP A 139 0.62 9.94 15.54
CA ASP A 139 -0.54 10.81 15.67
C ASP A 139 -0.39 12.05 14.79
N PRO A 140 -1.17 12.12 13.70
CA PRO A 140 -1.08 13.19 12.70
C PRO A 140 -1.77 14.48 13.15
N TYR A 141 -2.52 14.41 14.25
CA TYR A 141 -3.31 15.54 14.70
C TYR A 141 -2.50 16.83 14.77
N ARG A 142 -3.01 17.87 14.12
CA ARG A 142 -2.36 19.18 14.09
C ARG A 142 -1.01 19.13 13.39
N MET A 143 -0.95 18.45 12.24
CA MET A 143 0.28 18.37 11.46
C MET A 143 0.04 18.62 9.99
N SER A 144 1.13 18.70 9.23
CA SER A 144 1.06 19.00 7.79
C SER A 144 0.34 17.92 7.02
N ASP A 145 -0.08 18.25 5.80
CA ASP A 145 -0.78 17.31 4.94
C ASP A 145 0.13 16.15 4.52
N GLU A 146 1.44 16.40 4.53
CA GLU A 146 2.41 15.37 4.20
C GLU A 146 2.42 14.30 5.29
N ALA A 147 2.21 14.73 6.53
CA ALA A 147 2.14 13.81 7.66
C ALA A 147 0.90 12.92 7.53
N PHE A 148 -0.20 13.51 7.11
CA PHE A 148 -1.45 12.78 6.93
C PHE A 148 -1.36 11.76 5.80
N ASP A 149 -0.54 12.06 4.78
CA ASP A 149 -0.34 11.14 3.68
C ASP A 149 0.55 9.96 4.06
N SER A 150 1.64 10.24 4.78
CA SER A 150 2.52 9.18 5.24
C SER A 150 1.76 8.25 6.19
N VAL A 151 0.95 8.84 7.05
CA VAL A 151 0.13 8.07 7.99
C VAL A 151 -0.94 7.29 7.23
N TYR A 152 -1.62 7.95 6.31
CA TYR A 152 -2.64 7.27 5.50
C TYR A 152 -2.05 6.04 4.81
N GLN A 153 -0.93 6.23 4.13
CA GLN A 153 -0.23 5.12 3.49
C GLN A 153 -0.05 3.96 4.47
N LEU A 154 0.44 4.27 5.66
CA LEU A 154 0.62 3.26 6.70
C LEU A 154 -0.70 2.55 7.00
N LEU A 155 -1.77 3.32 7.13
CA LEU A 155 -3.09 2.77 7.42
C LEU A 155 -3.57 1.84 6.31
N GLU A 156 -3.36 2.25 5.06
CA GLU A 156 -3.83 1.47 3.92
C GLU A 156 -3.15 0.12 3.83
N GLN A 157 -1.82 0.11 3.84
CA GLN A 157 -1.07 -1.14 3.77
C GLN A 157 -1.29 -2.01 5.00
N ALA A 158 -1.43 -1.36 6.16
CA ALA A 158 -1.73 -2.08 7.39
C ALA A 158 -3.10 -2.73 7.29
N SER A 159 -4.04 -2.00 6.67
CA SER A 159 -5.40 -2.50 6.48
C SER A 159 -5.43 -3.65 5.49
N LYS A 160 -4.51 -3.66 4.54
CA LYS A 160 -4.44 -4.74 3.56
C LYS A 160 -3.89 -6.03 4.16
N ARG A 161 -2.83 -5.91 4.95
CA ARG A 161 -2.23 -7.07 5.59
C ARG A 161 -3.21 -7.73 6.57
N TRP A 162 -4.08 -6.91 7.16
CA TRP A 162 -5.09 -7.43 8.07
C TRP A 162 -6.23 -8.11 7.32
N ALA A 163 -6.57 -7.57 6.15
CA ALA A 163 -7.64 -8.11 5.33
C ALA A 163 -7.32 -9.52 4.85
N GLU A 164 -6.07 -9.74 4.47
CA GLU A 164 -5.63 -11.05 4.01
C GLU A 164 -5.51 -12.03 5.17
N LYS A 165 -5.06 -11.51 6.32
CA LYS A 165 -4.84 -12.34 7.49
C LYS A 165 -6.16 -12.70 8.17
N LEU A 166 -7.26 -12.14 7.66
CA LEU A 166 -8.59 -12.42 8.19
C LEU A 166 -9.53 -12.93 7.10
N GLY A 167 -8.98 -13.18 5.92
CA GLY A 167 -9.78 -13.66 4.80
C GLY A 167 -9.98 -12.60 3.74
N MET B 25 -6.83 -5.11 -2.86
CA MET B 25 -6.58 -5.92 -4.05
C MET B 25 -5.20 -5.61 -4.61
N PHE B 26 -5.15 -5.26 -5.89
CA PHE B 26 -3.90 -4.87 -6.53
C PHE B 26 -4.06 -3.53 -7.23
N ASP B 27 -4.22 -2.48 -6.43
CA ASP B 27 -4.46 -1.14 -6.97
C ASP B 27 -3.17 -0.36 -7.18
N SER B 28 -2.05 -0.91 -6.71
CA SER B 28 -0.77 -0.24 -6.83
C SER B 28 0.31 -1.16 -7.42
N ILE B 29 1.02 -0.66 -8.42
CA ILE B 29 2.06 -1.44 -9.11
C ILE B 29 3.37 -0.66 -9.20
N LEU B 30 4.47 -1.36 -8.97
CA LEU B 30 5.79 -0.75 -9.08
C LEU B 30 6.65 -1.42 -10.16
N VAL B 31 6.77 -0.76 -11.31
CA VAL B 31 7.60 -1.26 -12.38
C VAL B 31 9.08 -0.99 -12.07
N ILE B 32 9.93 -1.99 -12.29
CA ILE B 32 11.32 -1.91 -11.87
C ILE B 32 12.31 -2.36 -12.94
N CYS B 33 13.32 -1.54 -13.18
CA CYS B 33 14.43 -1.96 -14.03
C CYS B 33 15.75 -1.66 -13.32
N THR B 34 16.77 -1.29 -14.09
CA THR B 34 18.08 -1.01 -13.50
C THR B 34 18.30 0.48 -13.30
N GLY B 35 18.47 1.21 -14.39
CA GLY B 35 18.75 2.64 -14.34
C GLY B 35 17.51 3.50 -14.15
N ASN B 36 16.34 2.91 -14.40
CA ASN B 36 15.08 3.63 -14.28
C ASN B 36 15.00 4.86 -15.19
N ILE B 37 15.62 4.76 -16.37
CA ILE B 37 15.51 5.83 -17.36
C ILE B 37 15.12 5.28 -18.73
N CYS B 38 15.16 3.96 -18.86
CA CYS B 38 14.79 3.32 -20.12
C CYS B 38 13.52 2.48 -20.01
N ARG B 39 13.67 1.24 -19.55
CA ARG B 39 12.57 0.27 -19.57
C ARG B 39 11.38 0.60 -18.66
N SER B 40 11.61 0.59 -17.35
CA SER B 40 10.52 0.81 -16.39
C SER B 40 9.74 2.11 -16.59
N PRO B 41 10.43 3.19 -17.01
CA PRO B 41 9.68 4.42 -17.29
C PRO B 41 8.61 4.20 -18.35
N ILE B 42 8.96 3.49 -19.42
CA ILE B 42 8.03 3.20 -20.49
C ILE B 42 6.89 2.30 -20.02
N GLY B 43 7.25 1.13 -19.50
CA GLY B 43 6.27 0.18 -18.99
C GLY B 43 5.32 0.81 -18.00
N GLU B 44 5.87 1.61 -17.09
CA GLU B 44 5.05 2.30 -16.10
C GLU B 44 3.93 3.07 -16.77
N ARG B 45 4.28 3.89 -17.75
CA ARG B 45 3.31 4.76 -18.42
C ARG B 45 2.50 4.00 -19.47
N LEU B 46 2.91 2.77 -19.78
CA LEU B 46 2.09 1.89 -20.59
C LEU B 46 0.93 1.39 -19.76
N LEU B 47 1.25 0.67 -18.69
CA LEU B 47 0.25 0.19 -17.75
C LEU B 47 -0.61 1.33 -17.22
N ARG B 48 0.02 2.49 -17.01
CA ARG B 48 -0.66 3.64 -16.46
C ARG B 48 -1.86 4.06 -17.32
N ARG B 49 -1.74 3.88 -18.63
CA ARG B 49 -2.83 4.23 -19.53
C ARG B 49 -3.64 3.01 -19.95
N LEU B 50 -3.35 1.87 -19.33
CA LEU B 50 -4.16 0.66 -19.51
C LEU B 50 -4.96 0.40 -18.23
N LEU B 51 -4.38 0.74 -17.10
CA LEU B 51 -5.08 0.67 -15.81
C LEU B 51 -5.16 2.08 -15.23
N PRO B 52 -5.96 2.95 -15.87
CA PRO B 52 -6.02 4.38 -15.57
C PRO B 52 -6.36 4.69 -14.11
N SER B 53 -6.91 3.70 -13.40
CA SER B 53 -7.37 3.93 -12.04
C SER B 53 -6.34 3.52 -10.99
N LYS B 54 -5.32 2.77 -11.42
CA LYS B 54 -4.34 2.22 -10.48
C LYS B 54 -3.12 3.12 -10.27
N LYS B 55 -2.46 2.94 -9.13
CA LYS B 55 -1.25 3.68 -8.81
C LYS B 55 -0.03 2.98 -9.40
N ILE B 56 0.47 3.52 -10.51
CA ILE B 56 1.60 2.92 -11.20
C ILE B 56 2.82 3.83 -11.17
N ASN B 57 3.90 3.36 -10.55
CA ASN B 57 5.16 4.09 -10.54
C ASN B 57 6.32 3.18 -10.90
N SER B 58 7.53 3.73 -10.93
CA SER B 58 8.69 2.94 -11.32
C SER B 58 9.93 3.26 -10.48
N ALA B 59 10.88 2.34 -10.50
CA ALA B 59 12.12 2.50 -9.75
C ALA B 59 13.22 1.62 -10.34
N GLY B 60 14.46 1.87 -9.92
CA GLY B 60 15.59 1.10 -10.40
C GLY B 60 16.45 0.55 -9.29
N VAL B 61 16.98 -0.64 -9.50
CA VAL B 61 17.86 -1.27 -8.51
C VAL B 61 19.25 -0.63 -8.56
N GLY B 62 19.60 -0.08 -9.71
CA GLY B 62 20.83 0.67 -9.87
C GLY B 62 20.52 2.00 -10.54
N ALA B 63 19.54 2.70 -9.97
CA ALA B 63 18.95 3.86 -10.62
C ALA B 63 19.89 5.07 -10.71
N LEU B 64 19.78 5.80 -11.82
CA LEU B 64 20.40 7.09 -11.95
C LEU B 64 19.46 8.12 -11.33
N VAL B 65 19.59 8.32 -10.02
CA VAL B 65 18.65 9.15 -9.28
C VAL B 65 18.54 10.56 -9.84
N ASP B 66 17.31 11.04 -9.97
CA ASP B 66 17.02 12.41 -10.41
C ASP B 66 17.30 12.65 -11.89
N HIS B 67 17.67 11.59 -12.59
CA HIS B 67 17.94 11.70 -14.03
C HIS B 67 16.66 11.60 -14.85
N ALA B 68 16.63 12.32 -15.96
CA ALA B 68 15.53 12.23 -16.90
C ALA B 68 15.66 10.97 -17.76
N ALA B 69 14.54 10.54 -18.34
CA ALA B 69 14.54 9.33 -19.16
C ALA B 69 15.55 9.44 -20.30
N ASP B 70 16.15 8.31 -20.66
CA ASP B 70 17.16 8.27 -21.72
C ASP B 70 16.67 8.94 -22.98
N GLU B 71 17.56 9.71 -23.62
CA GLU B 71 17.26 10.35 -24.90
C GLU B 71 16.56 9.38 -25.84
N SER B 72 17.19 8.23 -26.07
CA SER B 72 16.66 7.21 -26.98
C SER B 72 15.29 6.71 -26.52
N ALA B 73 15.16 6.46 -25.22
CA ALA B 73 13.92 5.95 -24.66
C ALA B 73 12.77 6.87 -24.98
N ILE B 74 12.98 8.17 -24.79
CA ILE B 74 11.96 9.17 -25.06
C ILE B 74 11.55 9.16 -26.53
N ARG B 75 12.49 8.84 -27.41
CA ARG B 75 12.22 8.81 -28.84
C ARG B 75 11.37 7.60 -29.24
N VAL B 76 10.10 7.63 -28.83
CA VAL B 76 9.15 6.59 -29.20
C VAL B 76 7.76 6.91 -28.62
N LEU B 82 3.04 8.10 -26.43
CA LEU B 82 3.13 8.43 -25.02
C LEU B 82 4.28 9.39 -24.73
N CYS B 83 4.14 10.15 -23.65
CA CYS B 83 5.18 11.10 -23.24
C CYS B 83 5.68 10.77 -21.83
N LEU B 84 6.97 11.02 -21.60
CA LEU B 84 7.59 10.69 -20.31
C LEU B 84 7.20 11.70 -19.23
N LYS B 85 6.65 12.83 -19.64
CA LYS B 85 6.15 13.85 -18.73
C LYS B 85 6.86 13.88 -17.38
N GLY B 86 8.02 14.49 -17.35
CA GLY B 86 8.77 14.69 -16.11
C GLY B 86 9.01 13.43 -15.29
N HIS B 87 9.54 12.39 -15.93
CA HIS B 87 9.96 11.20 -15.22
C HIS B 87 11.36 11.42 -14.65
N ARG B 88 11.54 11.09 -13.38
CA ARG B 88 12.85 11.23 -12.74
C ARG B 88 13.28 9.92 -12.09
N GLY B 89 14.54 9.54 -12.32
CA GLY B 89 15.09 8.31 -11.76
C GLY B 89 14.81 8.17 -10.29
N THR B 90 14.43 6.95 -9.88
CA THR B 90 14.10 6.69 -8.48
C THR B 90 14.78 5.40 -8.01
N LYS B 91 15.51 5.50 -6.90
CA LYS B 91 16.17 4.33 -6.34
C LYS B 91 15.16 3.42 -5.67
N PHE B 92 15.29 2.13 -5.89
CA PHE B 92 14.40 1.16 -5.27
C PHE B 92 14.82 0.90 -3.82
N THR B 93 13.84 0.94 -2.92
CA THR B 93 14.10 0.67 -1.51
C THR B 93 13.01 -0.22 -0.92
N SER B 94 13.24 -0.73 0.29
CA SER B 94 12.26 -1.57 0.95
C SER B 94 11.07 -0.74 1.40
N ALA B 95 11.35 0.45 1.92
CA ALA B 95 10.30 1.37 2.37
C ALA B 95 9.37 1.72 1.22
N LEU B 96 9.92 1.77 0.02
CA LEU B 96 9.16 2.09 -1.17
C LEU B 96 8.27 0.92 -1.58
N ALA B 97 8.84 -0.28 -1.57
CA ALA B 97 8.11 -1.49 -1.96
C ALA B 97 6.87 -1.71 -1.11
N ARG B 98 6.97 -1.38 0.18
CA ARG B 98 5.87 -1.60 1.11
C ARG B 98 4.64 -0.76 0.78
N GLN B 99 4.76 0.10 -0.22
CA GLN B 99 3.67 0.96 -0.64
C GLN B 99 2.98 0.42 -1.89
N TYR B 100 3.43 -0.74 -2.36
CA TYR B 100 2.91 -1.30 -3.60
C TYR B 100 2.49 -2.77 -3.45
N ASP B 101 1.37 -3.11 -4.07
CA ASP B 101 0.83 -4.46 -3.98
C ASP B 101 1.57 -5.42 -4.91
N LEU B 102 2.00 -4.90 -6.06
CA LEU B 102 2.65 -5.73 -7.06
C LEU B 102 3.95 -5.09 -7.57
N LEU B 103 4.99 -5.90 -7.70
CA LEU B 103 6.28 -5.45 -8.21
C LEU B 103 6.63 -6.17 -9.50
N LEU B 104 6.76 -5.42 -10.59
CA LEU B 104 7.10 -5.98 -11.89
C LEU B 104 8.50 -5.61 -12.33
N VAL B 105 9.36 -6.62 -12.48
CA VAL B 105 10.74 -6.40 -12.90
C VAL B 105 10.94 -6.80 -14.36
N MET B 106 12.08 -6.43 -14.92
CA MET B 106 12.38 -6.73 -16.32
C MET B 106 13.22 -8.00 -16.46
N GLU B 107 14.11 -8.24 -15.50
CA GLU B 107 15.04 -9.37 -15.59
C GLU B 107 14.94 -10.28 -14.37
N TYR B 108 15.35 -11.54 -14.55
CA TYR B 108 15.41 -12.48 -13.44
C TYR B 108 16.46 -12.01 -12.44
N SER B 109 17.45 -11.27 -12.94
CA SER B 109 18.50 -10.73 -12.09
C SER B 109 17.93 -9.77 -11.07
N HIS B 110 16.92 -9.00 -11.48
CA HIS B 110 16.27 -8.05 -10.59
C HIS B 110 15.62 -8.77 -9.41
N LEU B 111 15.12 -9.98 -9.66
CA LEU B 111 14.45 -10.77 -8.63
C LEU B 111 15.37 -11.06 -7.44
N GLU B 112 16.56 -11.53 -7.72
CA GLU B 112 17.50 -11.89 -6.65
C GLU B 112 18.00 -10.66 -5.91
N GLN B 113 18.14 -9.55 -6.63
CA GLN B 113 18.55 -8.29 -6.01
C GLN B 113 17.47 -7.79 -5.08
N ILE B 114 16.21 -8.00 -5.46
CA ILE B 114 15.07 -7.59 -4.65
C ILE B 114 14.99 -8.40 -3.36
N SER B 115 15.26 -9.70 -3.47
CA SER B 115 15.15 -10.59 -2.31
C SER B 115 16.21 -10.29 -1.25
N ARG B 116 17.28 -9.62 -1.64
CA ARG B 116 18.35 -9.29 -0.71
C ARG B 116 18.37 -7.81 -0.31
N ILE B 117 17.66 -6.98 -1.08
CA ILE B 117 17.48 -5.58 -0.74
C ILE B 117 16.25 -5.44 0.15
N ALA B 118 15.18 -6.14 -0.23
CA ALA B 118 13.93 -6.12 0.51
C ALA B 118 13.25 -7.48 0.44
N PRO B 119 13.68 -8.41 1.31
CA PRO B 119 13.18 -9.79 1.33
C PRO B 119 11.66 -9.88 1.47
N GLU B 120 11.07 -8.97 2.23
CA GLU B 120 9.64 -9.02 2.52
C GLU B 120 8.76 -8.82 1.28
N ALA B 121 9.32 -8.17 0.26
CA ALA B 121 8.55 -7.85 -0.93
C ALA B 121 8.71 -8.89 -2.04
N ARG B 122 9.67 -9.80 -1.86
CA ARG B 122 9.96 -10.82 -2.87
C ARG B 122 8.71 -11.59 -3.28
N GLY B 123 7.85 -11.87 -2.31
CA GLY B 123 6.62 -12.62 -2.55
C GLY B 123 5.71 -11.96 -3.57
N LYS B 124 5.64 -10.64 -3.54
CA LYS B 124 4.76 -9.89 -4.43
C LYS B 124 5.50 -9.36 -5.67
N THR B 125 6.52 -10.09 -6.10
CA THR B 125 7.30 -9.66 -7.25
C THR B 125 7.26 -10.69 -8.38
N MET B 126 6.88 -10.23 -9.57
CA MET B 126 6.89 -11.08 -10.76
C MET B 126 7.53 -10.37 -11.94
N LEU B 127 7.59 -11.04 -13.08
CA LEU B 127 8.18 -10.45 -14.28
C LEU B 127 7.20 -9.57 -15.04
N PHE B 128 7.68 -8.42 -15.49
CA PHE B 128 6.86 -7.50 -16.26
C PHE B 128 6.35 -8.17 -17.53
N GLY B 129 7.15 -9.10 -18.04
CA GLY B 129 6.76 -9.87 -19.20
C GLY B 129 6.46 -11.32 -18.81
N HIS B 130 5.74 -11.48 -17.71
CA HIS B 130 5.47 -12.81 -17.17
C HIS B 130 4.57 -13.63 -18.08
N TRP B 131 3.95 -12.97 -19.05
CA TRP B 131 3.03 -13.66 -19.96
C TRP B 131 3.63 -13.90 -21.35
N LEU B 132 3.36 -15.07 -21.89
CA LEU B 132 3.83 -15.46 -23.23
C LEU B 132 5.25 -15.01 -23.53
N ASP B 133 6.23 -15.61 -22.87
CA ASP B 133 5.96 -16.62 -21.84
C ASP B 133 6.97 -16.44 -20.72
N SER B 134 6.70 -15.48 -19.84
CA SER B 134 7.62 -15.11 -18.76
C SER B 134 9.00 -14.77 -19.30
N LYS B 135 9.04 -14.09 -20.44
CA LYS B 135 10.29 -13.66 -21.04
C LYS B 135 10.76 -12.35 -20.42
N GLU B 136 12.03 -12.31 -20.02
CA GLU B 136 12.61 -11.11 -19.42
C GLU B 136 13.02 -10.12 -20.50
N ILE B 137 12.82 -8.84 -20.23
CA ILE B 137 13.13 -7.79 -21.20
C ILE B 137 14.57 -7.29 -21.06
N PRO B 138 15.35 -7.38 -22.15
CA PRO B 138 16.76 -7.00 -22.20
C PRO B 138 16.98 -5.51 -21.95
N ASP B 139 18.19 -5.16 -21.53
CA ASP B 139 18.54 -3.76 -21.26
C ASP B 139 19.01 -3.06 -22.53
N PRO B 140 18.29 -2.03 -22.96
CA PRO B 140 18.56 -1.29 -24.21
C PRO B 140 19.60 -0.20 -24.03
N TYR B 141 19.89 0.16 -22.78
CA TYR B 141 20.82 1.25 -22.48
C TYR B 141 22.08 1.17 -23.33
N ARG B 142 22.47 2.32 -23.88
CA ARG B 142 23.69 2.42 -24.69
C ARG B 142 23.67 1.50 -25.91
N MET B 143 22.51 1.37 -26.55
CA MET B 143 22.39 0.51 -27.71
C MET B 143 21.63 1.18 -28.86
N SER B 144 21.66 0.54 -30.03
CA SER B 144 21.04 1.10 -31.22
C SER B 144 19.54 1.28 -31.07
N ASP B 145 18.96 2.13 -31.92
CA ASP B 145 17.53 2.37 -31.90
C ASP B 145 16.77 1.13 -32.34
N GLU B 146 17.46 0.22 -33.02
CA GLU B 146 16.89 -1.07 -33.39
C GLU B 146 16.54 -1.84 -32.12
N ALA B 147 17.40 -1.70 -31.11
CA ALA B 147 17.19 -2.36 -29.83
C ALA B 147 16.02 -1.73 -29.09
N PHE B 148 15.95 -0.40 -29.12
CA PHE B 148 14.88 0.32 -28.44
C PHE B 148 13.51 0.03 -29.06
N ASP B 149 13.44 0.04 -30.38
CA ASP B 149 12.20 -0.27 -31.07
C ASP B 149 11.70 -1.66 -30.69
N SER B 150 12.62 -2.61 -30.60
CA SER B 150 12.30 -3.98 -30.23
C SER B 150 11.82 -4.04 -28.78
N VAL B 151 12.62 -3.49 -27.88
CA VAL B 151 12.29 -3.49 -26.45
C VAL B 151 10.91 -2.89 -26.19
N TYR B 152 10.63 -1.76 -26.81
CA TYR B 152 9.34 -1.10 -26.64
C TYR B 152 8.20 -2.04 -26.97
N GLN B 153 8.37 -2.82 -28.04
CA GLN B 153 7.33 -3.74 -28.47
C GLN B 153 7.06 -4.80 -27.42
N LEU B 154 8.12 -5.34 -26.83
CA LEU B 154 7.98 -6.31 -25.75
C LEU B 154 7.19 -5.71 -24.59
N LEU B 155 7.56 -4.48 -24.21
CA LEU B 155 6.85 -3.78 -23.16
C LEU B 155 5.39 -3.55 -23.54
N GLU B 156 5.15 -3.31 -24.83
CA GLU B 156 3.79 -3.11 -25.31
C GLU B 156 2.97 -4.37 -25.14
N GLN B 157 3.49 -5.49 -25.64
CA GLN B 157 2.82 -6.77 -25.54
C GLN B 157 2.57 -7.13 -24.08
N ALA B 158 3.64 -7.21 -23.30
CA ALA B 158 3.53 -7.55 -21.89
C ALA B 158 2.51 -6.68 -21.16
N SER B 159 2.53 -5.38 -21.46
CA SER B 159 1.61 -4.44 -20.84
C SER B 159 0.16 -4.84 -21.06
N LYS B 160 -0.17 -5.17 -22.31
CA LYS B 160 -1.54 -5.56 -22.66
C LYS B 160 -1.94 -6.87 -21.99
N ARG B 161 -1.01 -7.81 -21.92
CA ARG B 161 -1.28 -9.09 -21.27
C ARG B 161 -1.64 -8.85 -19.80
N TRP B 162 -0.97 -7.89 -19.18
CA TRP B 162 -1.21 -7.57 -17.78
C TRP B 162 -2.55 -6.88 -17.57
N ALA B 163 -2.91 -6.01 -18.49
CA ALA B 163 -4.20 -5.31 -18.41
C ALA B 163 -5.34 -6.32 -18.53
N GLU B 164 -5.16 -7.30 -19.40
CA GLU B 164 -6.15 -8.36 -19.57
C GLU B 164 -6.31 -9.18 -18.30
N LYS B 165 -5.17 -9.61 -17.75
CA LYS B 165 -5.16 -10.48 -16.58
C LYS B 165 -5.31 -9.71 -15.28
N LEU B 166 -5.65 -8.42 -15.38
CA LEU B 166 -5.81 -7.58 -14.20
C LEU B 166 -7.09 -6.74 -14.30
N GLY B 167 -8.00 -7.16 -15.16
CA GLY B 167 -9.26 -6.46 -15.34
C GLY B 167 -10.41 -7.40 -15.64
P PO4 C . -6.29 10.86 16.44
O1 PO4 C . -5.73 12.27 16.27
O2 PO4 C . -5.74 9.97 15.36
O3 PO4 C . -5.89 10.32 17.79
O4 PO4 C . -7.79 10.92 16.34
NI NI D . -16.97 19.57 21.70
P PO4 E . 17.17 0.86 -17.87
O1 PO4 E . 16.68 2.16 -17.29
O2 PO4 E . 18.31 1.14 -18.81
O3 PO4 E . 17.64 -0.06 -16.77
O4 PO4 E . 16.05 0.20 -18.63
#